data_6BJF
#
_entry.id   6BJF
#
_entity_poly.entity_id   1
_entity_poly.type   'polypeptide(L)'
_entity_poly.pdbx_seq_one_letter_code
;GLTWFINKFRIVK
;
_entity_poly.pdbx_strand_id   A
#
# COMPACT_ATOMS: atom_id res chain seq x y z
N GLY A 1 2.18 9.99 0.18
CA GLY A 1 0.98 9.98 -0.65
C GLY A 1 -0.08 9.03 -0.11
N LEU A 2 -1.20 8.95 -0.82
CA LEU A 2 -2.30 8.07 -0.41
C LEU A 2 -2.16 6.70 -1.06
N THR A 3 -1.62 6.68 -2.28
CA THR A 3 -1.45 5.44 -3.01
C THR A 3 -0.45 4.52 -2.31
N TRP A 4 0.52 5.13 -1.63
CA TRP A 4 1.54 4.37 -0.91
C TRP A 4 0.90 3.40 0.08
N PHE A 5 -0.18 3.86 0.73
CA PHE A 5 -0.88 3.03 1.71
C PHE A 5 -1.22 1.67 1.13
N ILE A 6 -2.18 1.66 0.21
CA ILE A 6 -2.61 0.42 -0.43
C ILE A 6 -1.42 -0.36 -0.98
N ASN A 7 -0.58 0.33 -1.75
CA ASN A 7 0.60 -0.30 -2.34
C ASN A 7 1.39 -1.06 -1.29
N LYS A 8 1.76 -0.37 -0.21
CA LYS A 8 2.52 -0.99 0.87
C LYS A 8 1.72 -2.11 1.52
N PHE A 9 0.40 -1.95 1.55
CA PHE A 9 -0.48 -2.95 2.15
C PHE A 9 -0.48 -4.24 1.33
N ARG A 10 -0.40 -4.10 0.01
CA ARG A 10 -0.40 -5.25 -0.88
C ARG A 10 0.66 -6.26 -0.45
N ILE A 11 1.84 -5.77 -0.11
CA ILE A 11 2.93 -6.64 0.32
C ILE A 11 2.52 -7.48 1.53
N VAL A 12 1.62 -6.93 2.34
CA VAL A 12 1.14 -7.63 3.53
C VAL A 12 0.10 -8.69 3.16
N LYS A 13 -0.73 -8.39 2.17
CA LYS A 13 -1.75 -9.31 1.72
C LYS A 13 -1.13 -10.58 1.15
N GLY A 1 2.14 10.29 -0.72
CA GLY A 1 0.78 10.38 -1.23
C GLY A 1 -0.13 9.33 -0.62
N LEU A 2 -1.25 9.06 -1.28
CA LEU A 2 -2.21 8.07 -0.81
C LEU A 2 -1.92 6.70 -1.41
N THR A 3 -1.47 6.70 -2.66
CA THR A 3 -1.16 5.45 -3.36
C THR A 3 -0.22 4.58 -2.52
N TRP A 4 0.66 5.22 -1.78
CA TRP A 4 1.61 4.50 -0.93
C TRP A 4 0.89 3.48 -0.05
N PHE A 5 -0.20 3.92 0.57
CA PHE A 5 -0.99 3.05 1.44
C PHE A 5 -1.33 1.74 0.74
N ILE A 6 -2.18 1.84 -0.28
CA ILE A 6 -2.59 0.67 -1.04
C ILE A 6 -1.38 -0.10 -1.58
N ASN A 7 -0.39 0.64 -2.05
CA ASN A 7 0.82 0.03 -2.60
C ASN A 7 1.49 -0.87 -1.56
N LYS A 8 1.60 -0.36 -0.34
CA LYS A 8 2.22 -1.13 0.75
C LYS A 8 1.31 -2.27 1.19
N PHE A 9 0.03 -1.98 1.32
CA PHE A 9 -0.95 -2.98 1.74
C PHE A 9 -0.94 -4.18 0.79
N ARG A 10 -0.76 -3.90 -0.49
CA ARG A 10 -0.73 -4.95 -1.51
C ARG A 10 0.34 -5.99 -1.19
N ILE A 11 1.45 -5.53 -0.64
CA ILE A 11 2.55 -6.43 -0.28
C ILE A 11 2.25 -7.19 1.01
N VAL A 12 1.71 -6.47 1.99
CA VAL A 12 1.37 -7.07 3.28
C VAL A 12 0.28 -8.12 3.12
N LYS A 13 -0.67 -7.86 2.22
CA LYS A 13 -1.76 -8.78 1.97
C LYS A 13 -1.44 -9.71 0.82
N GLY A 1 0.72 11.56 -0.27
CA GLY A 1 0.63 10.38 -1.10
C GLY A 1 -0.25 9.30 -0.48
N LEU A 2 -1.39 9.04 -1.10
CA LEU A 2 -2.31 8.03 -0.59
C LEU A 2 -2.04 6.67 -1.23
N THR A 3 -1.64 6.69 -2.50
CA THR A 3 -1.35 5.46 -3.22
C THR A 3 -0.37 4.59 -2.44
N TRP A 4 0.54 5.23 -1.71
CA TRP A 4 1.53 4.50 -0.92
C TRP A 4 0.85 3.45 -0.03
N PHE A 5 -0.22 3.86 0.63
CA PHE A 5 -0.96 2.97 1.52
C PHE A 5 -1.31 1.67 0.80
N ILE A 6 -2.12 1.79 -0.25
CA ILE A 6 -2.54 0.62 -1.02
C ILE A 6 -1.33 -0.14 -1.57
N ASN A 7 -0.34 0.62 -2.05
CA ASN A 7 0.87 0.01 -2.61
C ASN A 7 1.56 -0.88 -1.58
N LYS A 8 1.67 -0.38 -0.36
CA LYS A 8 2.30 -1.13 0.72
C LYS A 8 1.41 -2.28 1.18
N PHE A 9 0.12 -1.99 1.34
CA PHE A 9 -0.84 -3.00 1.77
C PHE A 9 -0.85 -4.20 0.82
N ARG A 10 -0.67 -3.92 -0.47
CA ARG A 10 -0.65 -4.97 -1.48
C ARG A 10 0.43 -6.01 -1.17
N ILE A 11 1.55 -5.54 -0.65
CA ILE A 11 2.66 -6.42 -0.31
C ILE A 11 2.39 -7.17 0.99
N VAL A 12 1.88 -6.45 1.99
CA VAL A 12 1.57 -7.04 3.28
C VAL A 12 0.47 -8.10 3.15
N LYS A 13 -0.49 -7.84 2.28
CA LYS A 13 -1.60 -8.76 2.05
C LYS A 13 -1.33 -9.66 0.85
N GLY A 1 2.02 10.17 -1.00
CA GLY A 1 0.60 10.39 -1.25
C GLY A 1 -0.27 9.34 -0.59
N LEU A 2 -1.42 9.07 -1.20
CA LEU A 2 -2.36 8.07 -0.67
C LEU A 2 -2.09 6.71 -1.28
N THR A 3 -1.71 6.70 -2.56
CA THR A 3 -1.41 5.46 -3.25
C THR A 3 -0.45 4.59 -2.47
N TRP A 4 0.47 5.22 -1.76
CA TRP A 4 1.46 4.52 -0.96
C TRP A 4 0.79 3.49 -0.04
N PHE A 5 -0.28 3.92 0.61
CA PHE A 5 -1.02 3.05 1.53
C PHE A 5 -1.39 1.74 0.83
N ILE A 6 -2.20 1.84 -0.21
CA ILE A 6 -2.63 0.66 -0.96
C ILE A 6 -1.43 -0.11 -1.51
N ASN A 7 -0.45 0.63 -2.02
CA ASN A 7 0.74 0.02 -2.59
C ASN A 7 1.43 -0.88 -1.56
N LYS A 8 1.59 -0.37 -0.35
CA LYS A 8 2.22 -1.13 0.72
C LYS A 8 1.33 -2.29 1.18
N PHE A 9 0.04 -2.01 1.30
CA PHE A 9 -0.92 -3.03 1.72
C PHE A 9 -0.91 -4.22 0.76
N ARG A 10 -0.74 -3.93 -0.52
CA ARG A 10 -0.72 -4.96 -1.54
C ARG A 10 0.35 -6.01 -1.24
N ILE A 11 1.47 -5.55 -0.69
CA ILE A 11 2.58 -6.45 -0.35
C ILE A 11 2.28 -7.21 0.95
N VAL A 12 1.74 -6.51 1.94
CA VAL A 12 1.41 -7.12 3.21
C VAL A 12 0.33 -8.18 3.05
N LYS A 13 -0.62 -7.92 2.14
CA LYS A 13 -1.71 -8.85 1.89
C LYS A 13 -1.42 -9.70 0.66
N GLY A 1 1.99 10.61 -0.60
CA GLY A 1 0.76 10.34 -1.33
C GLY A 1 -0.12 9.32 -0.64
N LEU A 2 -1.28 9.05 -1.23
CA LEU A 2 -2.22 8.09 -0.67
C LEU A 2 -1.98 6.70 -1.25
N THR A 3 -1.61 6.65 -2.53
CA THR A 3 -1.35 5.38 -3.21
C THR A 3 -0.38 4.52 -2.41
N TRP A 4 0.57 5.17 -1.74
CA TRP A 4 1.55 4.47 -0.94
C TRP A 4 0.89 3.49 0.02
N PHE A 5 -0.17 3.94 0.68
CA PHE A 5 -0.90 3.09 1.62
C PHE A 5 -1.30 1.77 0.97
N ILE A 6 -2.23 1.84 0.03
CA ILE A 6 -2.70 0.65 -0.67
C ILE A 6 -1.52 -0.15 -1.23
N ASN A 7 -0.60 0.53 -1.90
CA ASN A 7 0.57 -0.12 -2.48
C ASN A 7 1.29 -0.98 -1.44
N LYS A 8 1.58 -0.37 -0.29
CA LYS A 8 2.27 -1.07 0.79
C LYS A 8 1.43 -2.24 1.30
N PHE A 9 0.12 -2.04 1.37
CA PHE A 9 -0.79 -3.08 1.84
C PHE A 9 -0.70 -4.32 0.96
N ARG A 10 -0.55 -4.10 -0.34
CA ARG A 10 -0.45 -5.20 -1.30
C ARG A 10 0.66 -6.17 -0.90
N ILE A 11 1.78 -5.62 -0.43
CA ILE A 11 2.92 -6.42 -0.02
C ILE A 11 2.61 -7.18 1.27
N VAL A 12 1.86 -6.54 2.16
CA VAL A 12 1.49 -7.16 3.43
C VAL A 12 0.50 -8.30 3.22
N LYS A 13 -0.40 -8.14 2.25
CA LYS A 13 -1.40 -9.16 1.96
C LYS A 13 -1.07 -9.86 0.63
N GLY A 1 1.58 11.19 -0.51
CA GLY A 1 0.79 10.39 -1.43
C GLY A 1 -0.07 9.37 -0.71
N LEU A 2 -1.25 9.11 -1.25
CA LEU A 2 -2.18 8.15 -0.65
C LEU A 2 -1.97 6.75 -1.24
N THR A 3 -1.65 6.71 -2.53
CA THR A 3 -1.42 5.44 -3.21
C THR A 3 -0.41 4.58 -2.45
N TRP A 4 0.55 5.23 -1.81
CA TRP A 4 1.57 4.51 -1.04
C TRP A 4 0.92 3.53 -0.07
N PHE A 5 -0.11 3.98 0.63
CA PHE A 5 -0.81 3.14 1.59
C PHE A 5 -1.23 1.82 0.96
N ILE A 6 -2.17 1.89 0.02
CA ILE A 6 -2.66 0.69 -0.66
C ILE A 6 -1.50 -0.13 -1.22
N ASN A 7 -0.57 0.54 -1.89
CA ASN A 7 0.59 -0.12 -2.46
C ASN A 7 1.32 -0.95 -1.42
N LYS A 8 1.60 -0.34 -0.27
CA LYS A 8 2.29 -1.02 0.81
C LYS A 8 1.47 -2.20 1.33
N PHE A 9 0.15 -2.01 1.40
CA PHE A 9 -0.74 -3.05 1.88
C PHE A 9 -0.63 -4.31 1.01
N ARG A 10 -0.50 -4.10 -0.29
CA ARG A 10 -0.39 -5.20 -1.24
C ARG A 10 0.72 -6.16 -0.82
N ILE A 11 1.84 -5.60 -0.39
CA ILE A 11 2.98 -6.39 0.05
C ILE A 11 2.67 -7.16 1.33
N VAL A 12 1.90 -6.54 2.21
CA VAL A 12 1.52 -7.15 3.48
C VAL A 12 0.63 -8.37 3.25
N LYS A 13 -0.36 -8.21 2.40
CA LYS A 13 -1.29 -9.30 2.09
C LYS A 13 -0.62 -10.36 1.22
N GLY A 1 1.21 8.86 2.26
CA GLY A 1 0.60 9.11 0.97
C GLY A 1 -0.60 8.23 0.72
N LEU A 2 -1.32 8.49 -0.38
CA LEU A 2 -2.49 7.71 -0.73
C LEU A 2 -2.10 6.43 -1.46
N THR A 3 -1.66 6.57 -2.71
CA THR A 3 -1.26 5.42 -3.50
C THR A 3 -0.28 4.54 -2.74
N TRP A 4 0.52 5.16 -1.88
CA TRP A 4 1.50 4.43 -1.09
C TRP A 4 0.82 3.43 -0.16
N PHE A 5 -0.24 3.88 0.50
CA PHE A 5 -0.99 3.02 1.42
C PHE A 5 -1.38 1.72 0.75
N ILE A 6 -2.27 1.80 -0.22
CA ILE A 6 -2.73 0.62 -0.95
C ILE A 6 -1.55 -0.20 -1.46
N ASN A 7 -0.58 0.47 -2.06
CA ASN A 7 0.61 -0.18 -2.60
C ASN A 7 1.27 -1.05 -1.53
N LYS A 8 1.49 -0.47 -0.36
CA LYS A 8 2.12 -1.19 0.74
C LYS A 8 1.27 -2.37 1.19
N PHE A 9 -0.05 -2.16 1.24
CA PHE A 9 -0.98 -3.20 1.64
C PHE A 9 -0.83 -4.43 0.75
N ARG A 10 -0.61 -4.21 -0.55
CA ARG A 10 -0.46 -5.28 -1.50
C ARG A 10 0.68 -6.21 -1.09
N ILE A 11 1.73 -5.64 -0.50
CA ILE A 11 2.88 -6.43 -0.06
C ILE A 11 2.58 -7.14 1.25
N VAL A 12 1.99 -6.41 2.19
CA VAL A 12 1.64 -6.97 3.50
C VAL A 12 0.63 -8.11 3.36
N LYS A 13 -0.28 -7.97 2.40
CA LYS A 13 -1.30 -8.98 2.16
C LYS A 13 -0.80 -10.03 1.18
N GLY A 1 1.71 11.20 -0.36
CA GLY A 1 0.76 10.57 -1.26
C GLY A 1 -0.14 9.59 -0.55
N LEU A 2 -1.20 9.16 -1.22
CA LEU A 2 -2.15 8.22 -0.65
C LEU A 2 -1.94 6.81 -1.23
N THR A 3 -1.62 6.75 -2.51
CA THR A 3 -1.39 5.47 -3.18
C THR A 3 -0.41 4.61 -2.39
N TRP A 4 0.54 5.25 -1.74
CA TRP A 4 1.54 4.55 -0.95
C TRP A 4 0.89 3.56 0.01
N PHE A 5 -0.17 4.00 0.66
CA PHE A 5 -0.90 3.15 1.61
C PHE A 5 -1.29 1.83 0.97
N ILE A 6 -2.22 1.88 0.02
CA ILE A 6 -2.69 0.69 -0.67
C ILE A 6 -1.52 -0.10 -1.24
N ASN A 7 -0.61 0.59 -1.92
CA ASN A 7 0.56 -0.05 -2.51
C ASN A 7 1.30 -0.88 -1.48
N LYS A 8 1.59 -0.28 -0.33
CA LYS A 8 2.29 -0.98 0.74
C LYS A 8 1.46 -2.14 1.28
N PHE A 9 0.15 -1.94 1.34
CA PHE A 9 -0.75 -2.99 1.83
C PHE A 9 -0.67 -4.23 0.95
N ARG A 10 -0.57 -4.02 -0.35
CA ARG A 10 -0.47 -5.13 -1.30
C ARG A 10 0.64 -6.10 -0.91
N ILE A 11 1.76 -5.55 -0.46
CA ILE A 11 2.90 -6.37 -0.06
C ILE A 11 2.59 -7.13 1.22
N VAL A 12 1.83 -6.52 2.11
CA VAL A 12 1.45 -7.15 3.37
C VAL A 12 0.57 -8.36 3.13
N LYS A 13 -0.45 -8.19 2.29
CA LYS A 13 -1.38 -9.27 1.99
C LYS A 13 -0.70 -10.33 1.12
N GLY A 1 1.90 10.80 0.37
CA GLY A 1 1.16 10.19 -0.71
C GLY A 1 0.09 9.23 -0.22
N LEU A 2 -0.94 9.04 -1.03
CA LEU A 2 -2.04 8.15 -0.66
C LEU A 2 -1.80 6.75 -1.24
N THR A 3 -1.49 6.69 -2.52
CA THR A 3 -1.23 5.41 -3.19
C THR A 3 -0.29 4.54 -2.38
N TRP A 4 0.63 5.18 -1.66
CA TRP A 4 1.59 4.46 -0.84
C TRP A 4 0.89 3.49 0.10
N PHE A 5 -0.22 3.93 0.68
CA PHE A 5 -0.99 3.10 1.60
C PHE A 5 -1.30 1.75 0.98
N ILE A 6 -2.22 1.74 0.01
CA ILE A 6 -2.61 0.52 -0.67
C ILE A 6 -1.40 -0.21 -1.22
N ASN A 7 -0.49 0.54 -1.85
CA ASN A 7 0.71 -0.03 -2.42
C ASN A 7 1.46 -0.89 -1.40
N LYS A 8 1.68 -0.33 -0.22
CA LYS A 8 2.37 -1.04 0.85
C LYS A 8 1.53 -2.21 1.36
N PHE A 9 0.22 -1.99 1.46
CA PHE A 9 -0.68 -3.03 1.93
C PHE A 9 -0.67 -4.24 1.01
N ARG A 10 -0.54 -3.99 -0.30
CA ARG A 10 -0.51 -5.05 -1.29
C ARG A 10 0.55 -6.09 -0.94
N ILE A 11 1.70 -5.60 -0.48
CA ILE A 11 2.81 -6.49 -0.11
C ILE A 11 2.49 -7.25 1.17
N VAL A 12 1.79 -6.60 2.09
CA VAL A 12 1.42 -7.22 3.35
C VAL A 12 0.38 -8.31 3.15
N LYS A 13 -0.54 -8.07 2.22
CA LYS A 13 -1.60 -9.04 1.92
C LYS A 13 -1.09 -10.12 0.97
N GLY A 1 2.45 9.77 -1.45
CA GLY A 1 1.17 10.36 -1.13
C GLY A 1 0.19 9.35 -0.55
N LEU A 2 -0.92 9.13 -1.24
CA LEU A 2 -1.94 8.19 -0.79
C LEU A 2 -1.69 6.80 -1.38
N THR A 3 -1.20 6.77 -2.61
CA THR A 3 -0.92 5.51 -3.28
C THR A 3 -0.07 4.60 -2.42
N TRP A 4 0.83 5.20 -1.64
CA TRP A 4 1.72 4.45 -0.77
C TRP A 4 0.93 3.48 0.10
N PHE A 5 -0.16 3.96 0.69
CA PHE A 5 -1.01 3.14 1.55
C PHE A 5 -1.39 1.84 0.84
N ILE A 6 -2.22 1.96 -0.19
CA ILE A 6 -2.68 0.80 -0.95
C ILE A 6 -1.49 -0.02 -1.45
N ASN A 7 -0.50 0.67 -2.01
CA ASN A 7 0.69 0.00 -2.53
C ASN A 7 1.29 -0.93 -1.49
N LYS A 8 1.49 -0.42 -0.28
CA LYS A 8 2.05 -1.21 0.81
C LYS A 8 1.11 -2.35 1.19
N PHE A 9 -0.19 -2.04 1.26
CA PHE A 9 -1.18 -3.04 1.62
C PHE A 9 -1.07 -4.27 0.73
N ARG A 10 -0.74 -4.06 -0.54
CA ARG A 10 -0.59 -5.14 -1.49
C ARG A 10 0.58 -6.05 -1.12
N ILE A 11 1.60 -5.46 -0.50
CA ILE A 11 2.77 -6.21 -0.09
C ILE A 11 2.57 -6.85 1.28
N VAL A 12 2.18 -6.03 2.26
CA VAL A 12 1.94 -6.52 3.61
C VAL A 12 1.01 -7.72 3.61
N LYS A 13 0.03 -7.72 2.70
CA LYS A 13 -0.93 -8.80 2.59
C LYS A 13 -0.24 -10.10 2.16
N GLY A 1 2.48 9.04 -0.24
CA GLY A 1 1.24 9.79 -0.07
C GLY A 1 0.06 8.89 0.22
N LEU A 2 -0.96 8.96 -0.64
CA LEU A 2 -2.15 8.14 -0.47
C LEU A 2 -2.02 6.81 -1.19
N THR A 3 -1.28 6.82 -2.31
CA THR A 3 -1.07 5.61 -3.09
C THR A 3 -0.18 4.62 -2.36
N TRP A 4 0.73 5.14 -1.54
CA TRP A 4 1.64 4.30 -0.77
C TRP A 4 0.87 3.37 0.16
N PHE A 5 -0.25 3.86 0.68
CA PHE A 5 -1.08 3.07 1.58
C PHE A 5 -1.39 1.70 0.98
N ILE A 6 -2.16 1.69 -0.11
CA ILE A 6 -2.52 0.46 -0.78
C ILE A 6 -1.30 -0.25 -1.34
N ASN A 7 -0.39 0.53 -1.92
CA ASN A 7 0.83 -0.03 -2.50
C ASN A 7 1.57 -0.89 -1.47
N LYS A 8 1.68 -0.38 -0.25
CA LYS A 8 2.35 -1.10 0.82
C LYS A 8 1.50 -2.25 1.34
N PHE A 9 0.19 -2.00 1.45
CA PHE A 9 -0.73 -3.02 1.94
C PHE A 9 -0.74 -4.23 1.02
N ARG A 10 -0.60 -3.98 -0.29
CA ARG A 10 -0.59 -5.05 -1.27
C ARG A 10 0.45 -6.11 -0.92
N ILE A 11 1.63 -5.66 -0.51
CA ILE A 11 2.70 -6.57 -0.14
C ILE A 11 2.36 -7.34 1.13
N VAL A 12 1.66 -6.68 2.04
CA VAL A 12 1.27 -7.30 3.30
C VAL A 12 0.24 -8.41 3.08
N LYS A 13 -0.72 -8.15 2.19
CA LYS A 13 -1.75 -9.12 1.88
C LYS A 13 -1.20 -10.23 1.00
N GLY A 1 2.19 10.00 1.60
CA GLY A 1 1.55 9.65 0.33
C GLY A 1 0.30 8.82 0.54
N LEU A 2 -0.67 8.99 -0.35
CA LEU A 2 -1.92 8.27 -0.27
C LEU A 2 -1.85 6.96 -1.06
N THR A 3 -1.07 6.98 -2.14
CA THR A 3 -0.91 5.80 -2.98
C THR A 3 -0.12 4.71 -2.26
N TRP A 4 0.79 5.12 -1.39
CA TRP A 4 1.61 4.19 -0.64
C TRP A 4 0.74 3.26 0.20
N PHE A 5 -0.36 3.79 0.72
CA PHE A 5 -1.28 3.02 1.54
C PHE A 5 -1.65 1.71 0.85
N ILE A 6 -2.35 1.82 -0.28
CA ILE A 6 -2.77 0.65 -1.03
C ILE A 6 -1.57 -0.11 -1.57
N ASN A 7 -0.59 0.62 -2.10
CA ASN A 7 0.61 0.01 -2.65
C ASN A 7 1.24 -0.95 -1.64
N LYS A 8 1.32 -0.52 -0.39
CA LYS A 8 1.91 -1.34 0.67
C LYS A 8 0.95 -2.46 1.07
N PHE A 9 -0.33 -2.13 1.17
CA PHE A 9 -1.34 -3.12 1.54
C PHE A 9 -1.25 -4.35 0.67
N ARG A 10 -0.89 -4.15 -0.60
CA ARG A 10 -0.76 -5.26 -1.54
C ARG A 10 0.43 -6.15 -1.18
N ILE A 11 1.48 -5.52 -0.65
CA ILE A 11 2.68 -6.25 -0.27
C ILE A 11 2.51 -6.93 1.08
N VAL A 12 2.05 -6.16 2.07
CA VAL A 12 1.83 -6.69 3.41
C VAL A 12 0.92 -7.91 3.38
N LYS A 13 -0.06 -7.88 2.50
CA LYS A 13 -1.01 -8.99 2.37
C LYS A 13 -0.41 -10.13 1.56
N GLY A 1 2.33 9.99 -1.41
CA GLY A 1 0.92 10.29 -1.57
C GLY A 1 0.03 9.30 -0.84
N LEU A 2 -1.14 9.02 -1.41
CA LEU A 2 -2.07 8.08 -0.80
C LEU A 2 -1.84 6.66 -1.33
N THR A 3 -1.47 6.57 -2.60
CA THR A 3 -1.21 5.27 -3.22
C THR A 3 -0.26 4.43 -2.38
N TRP A 4 0.68 5.10 -1.72
CA TRP A 4 1.66 4.42 -0.88
C TRP A 4 0.97 3.48 0.11
N PHE A 5 -0.11 3.96 0.72
CA PHE A 5 -0.86 3.15 1.68
C PHE A 5 -1.29 1.83 1.06
N ILE A 6 -2.21 1.91 0.10
CA ILE A 6 -2.71 0.71 -0.57
C ILE A 6 -1.56 -0.14 -1.10
N ASN A 7 -0.61 0.51 -1.78
CA ASN A 7 0.54 -0.19 -2.34
C ASN A 7 1.22 -1.06 -1.29
N LYS A 8 1.46 -0.48 -0.12
CA LYS A 8 2.10 -1.21 0.97
C LYS A 8 1.20 -2.33 1.48
N PHE A 9 -0.09 -2.05 1.60
CA PHE A 9 -1.05 -3.03 2.07
C PHE A 9 -0.94 -4.33 1.26
N ARG A 10 -0.74 -4.19 -0.04
CA ARG A 10 -0.62 -5.35 -0.91
C ARG A 10 0.59 -6.19 -0.54
N ILE A 11 1.63 -5.53 -0.03
CA ILE A 11 2.86 -6.22 0.36
C ILE A 11 2.73 -6.79 1.77
N VAL A 12 2.18 -5.99 2.68
CA VAL A 12 2.00 -6.41 4.07
C VAL A 12 1.05 -7.60 4.16
N LYS A 13 0.06 -7.62 3.28
CA LYS A 13 -0.93 -8.70 3.25
C LYS A 13 -0.24 -10.06 3.21
N GLY A 1 1.91 11.08 0.19
CA GLY A 1 1.05 10.48 -0.81
C GLY A 1 0.07 9.50 -0.22
N LEU A 2 -0.95 9.13 -0.99
CA LEU A 2 -1.96 8.20 -0.54
C LEU A 2 -1.76 6.82 -1.16
N THR A 3 -1.35 6.82 -2.43
CA THR A 3 -1.12 5.57 -3.15
C THR A 3 -0.21 4.64 -2.36
N TRP A 4 0.71 5.22 -1.60
CA TRP A 4 1.64 4.43 -0.79
C TRP A 4 0.89 3.43 0.07
N PHE A 5 -0.20 3.87 0.69
CA PHE A 5 -1.00 3.00 1.55
C PHE A 5 -1.37 1.71 0.81
N ILE A 6 -2.24 1.83 -0.19
CA ILE A 6 -2.67 0.69 -0.96
C ILE A 6 -1.48 -0.11 -1.47
N ASN A 7 -0.49 0.58 -2.03
CA ASN A 7 0.70 -0.06 -2.56
C ASN A 7 1.31 -1.00 -1.52
N LYS A 8 1.49 -0.49 -0.31
CA LYS A 8 2.08 -1.28 0.77
C LYS A 8 1.15 -2.43 1.15
N PHE A 9 -0.14 -2.14 1.22
CA PHE A 9 -1.13 -3.16 1.58
C PHE A 9 -1.01 -4.38 0.68
N ARG A 10 -0.68 -4.15 -0.59
CA ARG A 10 -0.54 -5.24 -1.55
C ARG A 10 0.64 -6.12 -1.18
N ILE A 11 1.65 -5.53 -0.56
CA ILE A 11 2.84 -6.29 -0.15
C ILE A 11 2.62 -6.95 1.20
N VAL A 12 2.19 -6.17 2.19
CA VAL A 12 1.95 -6.68 3.52
C VAL A 12 1.02 -7.89 3.49
N LYS A 13 0.06 -7.86 2.57
CA LYS A 13 -0.90 -8.96 2.43
C LYS A 13 -0.44 -9.93 1.35
N GLY A 1 1.52 11.02 0.68
CA GLY A 1 1.26 9.96 -0.28
C GLY A 1 0.16 9.02 0.17
N LEU A 2 -0.90 8.93 -0.63
CA LEU A 2 -2.03 8.07 -0.31
C LEU A 2 -1.87 6.70 -0.97
N THR A 3 -1.59 6.71 -2.27
CA THR A 3 -1.42 5.47 -3.02
C THR A 3 -0.43 4.54 -2.32
N TRP A 4 0.48 5.13 -1.56
CA TRP A 4 1.48 4.35 -0.84
C TRP A 4 0.82 3.38 0.13
N PHE A 5 -0.26 3.83 0.75
CA PHE A 5 -0.98 2.99 1.71
C PHE A 5 -1.32 1.64 1.10
N ILE A 6 -2.20 1.64 0.11
CA ILE A 6 -2.60 0.41 -0.56
C ILE A 6 -1.40 -0.33 -1.13
N ASN A 7 -0.54 0.42 -1.82
CA ASN A 7 0.65 -0.17 -2.43
C ASN A 7 1.44 -0.99 -1.40
N LYS A 8 1.72 -0.38 -0.25
CA LYS A 8 2.46 -1.04 0.80
C LYS A 8 1.64 -2.18 1.41
N PHE A 9 0.34 -1.97 1.51
CA PHE A 9 -0.57 -2.97 2.07
C PHE A 9 -0.59 -4.22 1.20
N ARG A 10 -0.50 -4.03 -0.11
CA ARG A 10 -0.51 -5.14 -1.05
C ARG A 10 0.58 -6.16 -0.70
N ILE A 11 1.74 -5.67 -0.31
CA ILE A 11 2.86 -6.53 0.05
C ILE A 11 2.58 -7.27 1.35
N VAL A 12 1.90 -6.59 2.27
CA VAL A 12 1.56 -7.19 3.57
C VAL A 12 0.55 -8.31 3.40
N LYS A 13 -0.38 -8.13 2.48
CA LYS A 13 -1.42 -9.13 2.23
C LYS A 13 -0.95 -10.16 1.20
N GLY A 1 2.35 10.21 0.18
CA GLY A 1 1.07 10.21 -0.51
C GLY A 1 0.11 9.17 0.03
N LEU A 2 -1.05 9.06 -0.59
CA LEU A 2 -2.07 8.10 -0.16
C LEU A 2 -1.91 6.77 -0.89
N THR A 3 -1.50 6.84 -2.16
CA THR A 3 -1.32 5.64 -2.98
C THR A 3 -0.36 4.67 -2.29
N TRP A 4 0.55 5.21 -1.50
CA TRP A 4 1.52 4.38 -0.78
C TRP A 4 0.82 3.35 0.10
N PHE A 5 -0.25 3.77 0.76
CA PHE A 5 -1.00 2.88 1.64
C PHE A 5 -1.38 1.60 0.91
N ILE A 6 -2.30 1.71 -0.04
CA ILE A 6 -2.75 0.56 -0.81
C ILE A 6 -1.57 -0.24 -1.36
N ASN A 7 -0.65 0.47 -2.02
CA ASN A 7 0.53 -0.18 -2.60
C ASN A 7 1.24 -1.04 -1.55
N LYS A 8 1.57 -0.44 -0.41
CA LYS A 8 2.25 -1.15 0.66
C LYS A 8 1.39 -2.30 1.18
N PHE A 9 0.09 -2.05 1.32
CA PHE A 9 -0.84 -3.06 1.80
C PHE A 9 -0.74 -4.34 0.98
N ARG A 10 -0.54 -4.18 -0.33
CA ARG A 10 -0.43 -5.33 -1.22
C ARG A 10 0.72 -6.24 -0.78
N ILE A 11 1.84 -5.64 -0.41
CA ILE A 11 3.00 -6.40 0.03
C ILE A 11 2.72 -7.12 1.34
N VAL A 12 1.94 -6.48 2.21
CA VAL A 12 1.59 -7.06 3.50
C VAL A 12 0.72 -8.31 3.33
N LYS A 13 -0.30 -8.19 2.48
CA LYS A 13 -1.20 -9.31 2.23
C LYS A 13 -0.51 -10.40 1.41
N GLY A 1 2.55 9.73 0.49
CA GLY A 1 1.29 10.00 -0.17
C GLY A 1 0.19 9.06 0.26
N LEU A 2 -0.87 8.96 -0.54
CA LEU A 2 -1.99 8.09 -0.22
C LEU A 2 -1.83 6.72 -0.90
N THR A 3 -1.56 6.75 -2.20
CA THR A 3 -1.38 5.51 -2.97
C THR A 3 -0.41 4.58 -2.27
N TRP A 4 0.52 5.15 -1.52
CA TRP A 4 1.52 4.36 -0.80
C TRP A 4 0.84 3.37 0.15
N PHE A 5 -0.24 3.80 0.79
CA PHE A 5 -0.97 2.96 1.72
C PHE A 5 -1.32 1.62 1.09
N ILE A 6 -2.23 1.66 0.11
CA ILE A 6 -2.65 0.44 -0.57
C ILE A 6 -1.46 -0.32 -1.14
N ASN A 7 -0.59 0.40 -1.85
CA ASN A 7 0.59 -0.21 -2.44
C ASN A 7 1.36 -1.03 -1.41
N LYS A 8 1.70 -0.40 -0.29
CA LYS A 8 2.42 -1.07 0.78
C LYS A 8 1.60 -2.22 1.36
N PHE A 9 0.29 -2.04 1.40
CA PHE A 9 -0.61 -3.06 1.93
C PHE A 9 -0.56 -4.32 1.08
N ARG A 10 -0.44 -4.14 -0.24
CA ARG A 10 -0.38 -5.26 -1.16
C ARG A 10 0.72 -6.23 -0.77
N ILE A 11 1.86 -5.69 -0.36
CA ILE A 11 3.00 -6.50 0.05
C ILE A 11 2.70 -7.26 1.34
N VAL A 12 1.95 -6.62 2.23
CA VAL A 12 1.59 -7.24 3.51
C VAL A 12 0.62 -8.38 3.31
N LYS A 13 -0.33 -8.20 2.40
CA LYS A 13 -1.33 -9.23 2.11
C LYS A 13 -0.73 -10.34 1.26
N GLY A 1 1.57 10.89 -1.57
CA GLY A 1 0.33 10.42 -2.17
C GLY A 1 -0.40 9.42 -1.28
N LEU A 2 -1.61 9.04 -1.70
CA LEU A 2 -2.41 8.11 -0.94
C LEU A 2 -2.17 6.68 -1.40
N THR A 3 -1.94 6.51 -2.69
CA THR A 3 -1.70 5.19 -3.28
C THR A 3 -0.60 4.46 -2.51
N TRP A 4 0.38 5.21 -2.01
CA TRP A 4 1.48 4.63 -1.26
C TRP A 4 0.97 3.71 -0.15
N PHE A 5 -0.06 4.16 0.55
CA PHE A 5 -0.65 3.38 1.64
C PHE A 5 -1.05 1.99 1.15
N ILE A 6 -2.05 1.95 0.27
CA ILE A 6 -2.52 0.68 -0.28
C ILE A 6 -1.37 -0.15 -0.83
N ASN A 7 -0.49 0.50 -1.59
CA ASN A 7 0.65 -0.18 -2.18
C ASN A 7 1.45 -0.93 -1.12
N LYS A 8 1.78 -0.23 -0.03
CA LYS A 8 2.54 -0.82 1.06
C LYS A 8 1.73 -1.91 1.76
N PHE A 9 0.42 -1.71 1.84
CA PHE A 9 -0.46 -2.68 2.48
C PHE A 9 -0.55 -3.96 1.65
N ARG A 10 -0.48 -3.81 0.33
CA ARG A 10 -0.57 -4.96 -0.57
C ARG A 10 0.49 -6.00 -0.21
N ILE A 11 1.65 -5.54 0.24
CA ILE A 11 2.73 -6.43 0.61
C ILE A 11 2.37 -7.24 1.86
N VAL A 12 1.48 -6.70 2.67
CA VAL A 12 1.03 -7.37 3.89
C VAL A 12 -0.21 -8.22 3.63
N LYS A 13 -1.24 -7.60 3.08
CA LYS A 13 -2.49 -8.28 2.78
C LYS A 13 -2.23 -9.56 1.98
N GLY A 1 2.41 9.77 -0.50
CA GLY A 1 1.08 10.33 -0.56
C GLY A 1 0.02 9.39 -0.05
N LEU A 2 -0.99 9.12 -0.86
CA LEU A 2 -2.08 8.23 -0.47
C LEU A 2 -1.90 6.85 -1.10
N THR A 3 -1.64 6.82 -2.40
CA THR A 3 -1.45 5.57 -3.12
C THR A 3 -0.48 4.65 -2.37
N TRP A 4 0.48 5.25 -1.68
CA TRP A 4 1.47 4.49 -0.93
C TRP A 4 0.79 3.48 -0.01
N PHE A 5 -0.28 3.92 0.64
CA PHE A 5 -1.01 3.07 1.57
C PHE A 5 -1.39 1.75 0.89
N ILE A 6 -2.31 1.81 -0.07
CA ILE A 6 -2.75 0.62 -0.78
C ILE A 6 -1.57 -0.15 -1.33
N ASN A 7 -0.62 0.56 -1.94
CA ASN A 7 0.57 -0.07 -2.50
C ASN A 7 1.23 -1.00 -1.48
N LYS A 8 1.46 -0.48 -0.29
CA LYS A 8 2.09 -1.27 0.78
C LYS A 8 1.18 -2.41 1.22
N PHE A 9 -0.11 -2.12 1.33
CA PHE A 9 -1.09 -3.13 1.75
C PHE A 9 -0.98 -4.38 0.87
N ARG A 10 -0.70 -4.16 -0.42
CA ARG A 10 -0.58 -5.27 -1.36
C ARG A 10 0.63 -6.13 -1.04
N ILE A 11 1.67 -5.51 -0.48
CA ILE A 11 2.88 -6.22 -0.12
C ILE A 11 2.75 -6.87 1.26
N VAL A 12 2.36 -6.08 2.25
CA VAL A 12 2.19 -6.58 3.60
C VAL A 12 1.32 -7.83 3.63
N LYS A 13 0.32 -7.86 2.75
CA LYS A 13 -0.59 -9.00 2.67
C LYS A 13 0.00 -10.10 1.78
N GLY A 1 2.27 10.08 1.29
CA GLY A 1 1.32 9.99 0.20
C GLY A 1 0.15 9.07 0.50
N LEU A 2 -0.75 8.91 -0.45
CA LEU A 2 -1.92 8.04 -0.27
C LEU A 2 -1.72 6.72 -1.00
N THR A 3 -1.34 6.80 -2.27
CA THR A 3 -1.12 5.60 -3.08
C THR A 3 -0.22 4.60 -2.34
N TRP A 4 0.65 5.13 -1.48
CA TRP A 4 1.57 4.28 -0.72
C TRP A 4 0.79 3.27 0.12
N PHE A 5 -0.32 3.69 0.69
CA PHE A 5 -1.15 2.82 1.51
C PHE A 5 -1.46 1.51 0.78
N ILE A 6 -2.20 1.62 -0.31
CA ILE A 6 -2.57 0.45 -1.10
C ILE A 6 -1.33 -0.28 -1.61
N ASN A 7 -0.38 0.47 -2.14
CA ASN A 7 0.85 -0.10 -2.66
C ASN A 7 1.50 -1.02 -1.63
N LYS A 8 1.68 -0.50 -0.41
CA LYS A 8 2.29 -1.26 0.67
C LYS A 8 1.37 -2.39 1.13
N PHE A 9 0.08 -2.07 1.26
CA PHE A 9 -0.90 -3.07 1.69
C PHE A 9 -0.89 -4.27 0.76
N ARG A 10 -0.67 -4.03 -0.52
CA ARG A 10 -0.65 -5.10 -1.51
C ARG A 10 0.44 -6.11 -1.19
N ILE A 11 1.56 -5.62 -0.64
CA ILE A 11 2.67 -6.49 -0.28
C ILE A 11 2.41 -7.21 1.04
N VAL A 12 1.92 -6.48 2.02
CA VAL A 12 1.61 -7.05 3.33
C VAL A 12 0.54 -8.12 3.22
N LYS A 13 -0.50 -7.84 2.45
CA LYS A 13 -1.60 -8.79 2.27
C LYS A 13 -1.31 -9.73 1.09
#